data_2QWZ
#
_entry.id   2QWZ
#
_cell.length_a   95.307
_cell.length_b   95.307
_cell.length_c   132.634
_cell.angle_alpha   90.000
_cell.angle_beta   90.000
_cell.angle_gamma   120.000
#
_symmetry.space_group_name_H-M   'P 31 2 1'
#
loop_
_entity.id
_entity.type
_entity.pdbx_description
1 polymer 'Phenylacetic acid degradation-related protein'
2 non-polymer 'ACETATE ION'
3 non-polymer GLYCEROL
4 water water
#
_entity_poly.entity_id   1
_entity_poly.type   'polypeptide(L)'
_entity_poly.pdbx_seq_one_letter_code
;(MSE)GSDKIHHHHHHENLYFQG(MSE)ELVFDKDGLSAYLEEVFPQIQGEFSIDALAKGEIT(MSE)RLNVQERHLRPG
GTVSGPS(MSE)FALADVSVYALVLAHLGREALAVTTNASLDF(MSE)RKPESGRDLLGQARLLKLGRTLAVGDILLFSE
G(MSE)EAPVARST(MSE)TYSIPPKR
;
_entity_poly.pdbx_strand_id   A,B,C,D
#
# COMPACT_ATOMS: atom_id res chain seq x y z
N ASN A 14 12.05 -11.66 17.02
CA ASN A 14 12.06 -11.20 18.45
C ASN A 14 10.68 -10.70 18.92
N LEU A 15 9.70 -10.80 18.03
CA LEU A 15 8.48 -10.01 18.02
C LEU A 15 7.33 -10.87 18.58
N TYR A 16 6.41 -10.28 19.32
CA TYR A 16 5.29 -11.04 19.90
C TYR A 16 4.01 -10.85 19.06
N PHE A 17 3.21 -11.91 18.91
CA PHE A 17 1.86 -11.78 18.37
C PHE A 17 1.03 -12.92 18.98
N GLN A 18 -0.30 -12.81 19.00
CA GLN A 18 -1.14 -13.88 19.52
C GLN A 18 -1.37 -14.92 18.45
N GLY A 19 -1.08 -16.18 18.82
CA GLY A 19 -1.27 -17.34 18.00
C GLY A 19 0.03 -17.84 17.43
N GLU A 21 1.95 -20.51 18.03
CA GLU A 21 2.21 -21.94 17.99
C GLU A 21 2.06 -22.50 16.58
N LEU A 22 3.06 -23.26 16.14
CA LEU A 22 3.00 -23.99 14.86
C LEU A 22 2.23 -25.27 15.03
N VAL A 23 1.38 -25.61 14.05
CA VAL A 23 0.81 -26.96 13.96
C VAL A 23 1.49 -27.82 12.87
N PHE A 24 2.52 -27.27 12.21
CA PHE A 24 3.32 -28.00 11.22
C PHE A 24 4.77 -27.84 11.58
N ASP A 25 5.56 -28.83 11.19
CA ASP A 25 7.01 -28.61 11.16
C ASP A 25 7.41 -28.31 9.72
N LYS A 26 8.68 -28.02 9.51
CA LYS A 26 9.14 -27.65 8.20
C LYS A 26 8.79 -28.66 7.13
N ASP A 27 9.17 -29.93 7.36
CA ASP A 27 8.97 -30.95 6.37
C ASP A 27 7.48 -31.23 6.13
N GLY A 28 6.67 -31.18 7.17
CA GLY A 28 5.21 -31.33 7.00
C GLY A 28 4.58 -30.16 6.26
N LEU A 29 5.18 -28.97 6.38
CA LEU A 29 4.71 -27.80 5.65
C LEU A 29 5.16 -27.87 4.20
N SER A 30 6.43 -28.18 3.97
CA SER A 30 6.92 -28.42 2.61
C SER A 30 6.07 -29.41 1.82
N ALA A 31 5.61 -30.46 2.50
CA ALA A 31 4.80 -31.52 1.92
C ALA A 31 3.37 -31.06 1.64
N TYR A 32 2.83 -30.27 2.56
CA TYR A 32 1.48 -29.75 2.37
C TYR A 32 1.41 -28.69 1.29
N LEU A 33 2.49 -27.95 1.06
CA LEU A 33 2.49 -26.93 0.02
C LEU A 33 2.63 -27.53 -1.37
N GLU A 34 3.41 -28.59 -1.50
CA GLU A 34 3.53 -29.26 -2.79
C GLU A 34 2.24 -30.00 -3.14
N GLU A 35 1.53 -30.48 -2.13
CA GLU A 35 0.21 -31.11 -2.30
C GLU A 35 -0.83 -30.11 -2.83
N VAL A 36 -1.10 -29.07 -2.05
CA VAL A 36 -2.02 -28.01 -2.43
C VAL A 36 -1.57 -27.21 -3.67
N PHE A 37 -0.27 -27.05 -3.88
CA PHE A 37 0.26 -26.33 -5.07
C PHE A 37 1.32 -27.14 -5.81
N PRO A 38 0.90 -27.99 -6.77
CA PRO A 38 1.86 -28.79 -7.53
C PRO A 38 2.84 -27.96 -8.36
N GLN A 39 2.40 -26.78 -8.81
CA GLN A 39 3.27 -25.83 -9.54
C GLN A 39 4.48 -25.29 -8.74
N ILE A 40 4.35 -25.16 -7.41
CA ILE A 40 5.44 -24.60 -6.57
C ILE A 40 6.66 -25.52 -6.48
N GLN A 41 6.41 -26.84 -6.56
CA GLN A 41 7.49 -27.82 -6.55
C GLN A 41 8.43 -27.49 -7.71
N GLY A 42 9.70 -27.26 -7.37
CA GLY A 42 10.70 -26.85 -8.33
C GLY A 42 11.05 -25.37 -8.26
N GLU A 43 10.12 -24.54 -7.83
CA GLU A 43 10.38 -23.09 -7.82
C GLU A 43 10.61 -22.57 -6.41
N PHE A 44 9.71 -22.93 -5.49
CA PHE A 44 9.72 -22.47 -4.09
C PHE A 44 10.00 -23.59 -3.08
N SER A 45 10.98 -23.36 -2.19
CA SER A 45 11.26 -24.28 -1.08
C SER A 45 11.50 -23.54 0.24
N ILE A 46 11.16 -24.17 1.36
CA ILE A 46 11.35 -23.59 2.69
C ILE A 46 12.78 -23.82 3.18
N ASP A 47 13.56 -22.75 3.36
CA ASP A 47 14.81 -22.88 4.10
C ASP A 47 14.68 -23.04 5.62
N ALA A 48 13.78 -22.31 6.25
CA ALA A 48 13.60 -22.38 7.69
C ALA A 48 12.19 -22.02 8.07
N LEU A 49 11.75 -22.54 9.21
CA LEU A 49 10.44 -22.26 9.76
C LEU A 49 10.56 -22.17 11.28
N ALA A 50 10.00 -21.11 11.84
CA ALA A 50 9.99 -20.84 13.28
C ALA A 50 8.63 -20.27 13.56
N LYS A 51 8.28 -20.14 14.84
CA LYS A 51 6.96 -19.67 15.25
C LYS A 51 6.59 -18.32 14.62
N GLY A 52 7.56 -17.41 14.55
CA GLY A 52 7.23 -16.08 14.07
C GLY A 52 7.52 -15.82 12.60
N GLU A 53 8.27 -16.74 12.00
CA GLU A 53 9.05 -16.41 10.80
C GLU A 53 9.30 -17.59 9.90
N ILE A 54 9.44 -17.31 8.60
CA ILE A 54 9.79 -18.33 7.64
C ILE A 54 10.80 -17.75 6.67
N THR A 55 11.74 -18.55 6.19
CA THR A 55 12.61 -18.22 5.04
C THR A 55 12.29 -19.11 3.87
N ARG A 57 12.77 -19.91 -0.34
CA ARG A 57 13.72 -19.81 -1.46
C ARG A 57 12.96 -19.88 -2.76
N LEU A 58 13.31 -18.96 -3.67
CA LEU A 58 12.94 -19.08 -5.07
C LEU A 58 14.19 -19.56 -5.80
N ASN A 59 14.09 -20.76 -6.36
CA ASN A 59 15.15 -21.34 -7.19
C ASN A 59 15.24 -20.63 -8.53
N VAL A 60 16.21 -19.75 -8.69
CA VAL A 60 16.32 -18.87 -9.87
C VAL A 60 16.54 -19.66 -11.17
N GLN A 61 17.16 -20.81 -11.07
CA GLN A 61 17.37 -21.65 -12.23
C GLN A 61 16.05 -22.08 -12.89
N GLU A 62 15.04 -22.40 -12.08
CA GLU A 62 13.72 -22.80 -12.58
C GLU A 62 13.02 -21.74 -13.44
N ARG A 63 13.57 -20.53 -13.46
CA ARG A 63 13.01 -19.41 -14.21
C ARG A 63 13.62 -19.28 -15.60
N HIS A 64 14.71 -20.00 -15.85
CA HIS A 64 15.35 -20.04 -17.15
C HIS A 64 15.38 -18.65 -17.77
N LEU A 65 16.14 -17.76 -17.12
CA LEU A 65 16.32 -16.41 -17.58
C LEU A 65 17.60 -16.34 -18.40
N ARG A 66 17.65 -15.40 -19.35
CA ARG A 66 18.87 -15.15 -20.13
C ARG A 66 19.96 -14.61 -19.20
N PRO A 67 21.25 -14.83 -19.52
CA PRO A 67 22.33 -14.24 -18.73
C PRO A 67 22.14 -12.73 -18.50
N GLY A 68 22.53 -12.25 -17.32
CA GLY A 68 22.27 -10.85 -16.92
C GLY A 68 20.83 -10.56 -16.49
N GLY A 69 19.91 -11.48 -16.80
CA GLY A 69 18.48 -11.32 -16.48
C GLY A 69 18.23 -11.46 -14.98
N THR A 70 17.17 -10.81 -14.50
CA THR A 70 16.87 -10.77 -13.06
C THR A 70 15.40 -11.08 -12.82
N VAL A 71 15.10 -11.56 -11.62
CA VAL A 71 13.76 -12.01 -11.29
C VAL A 71 12.70 -10.89 -11.48
N SER A 72 11.54 -11.24 -12.02
CA SER A 72 10.50 -10.27 -12.37
C SER A 72 9.69 -9.81 -11.16
N GLY A 73 8.91 -8.74 -11.30
CA GLY A 73 8.05 -8.26 -10.21
C GLY A 73 6.93 -9.22 -9.89
N PRO A 74 6.34 -9.82 -10.91
CA PRO A 74 5.39 -10.88 -10.62
C PRO A 74 5.99 -12.05 -9.84
N SER A 75 7.27 -12.36 -10.06
CA SER A 75 7.91 -13.50 -9.41
C SER A 75 8.22 -13.16 -7.95
N PHE A 77 6.50 -10.89 -6.31
CA PHE A 77 5.18 -10.97 -5.74
C PHE A 77 4.85 -12.38 -5.27
N ALA A 78 5.13 -13.34 -6.17
CA ALA A 78 4.95 -14.78 -5.94
C ALA A 78 5.70 -15.25 -4.70
N LEU A 79 6.96 -14.85 -4.56
CA LEU A 79 7.77 -15.20 -3.40
C LEU A 79 7.21 -14.61 -2.10
N ALA A 80 6.88 -13.31 -2.14
CA ALA A 80 6.39 -12.61 -0.99
C ALA A 80 5.09 -13.29 -0.54
N ASP A 81 4.19 -13.55 -1.47
CA ASP A 81 2.85 -14.14 -1.16
C ASP A 81 2.91 -15.59 -0.71
N VAL A 82 3.72 -16.42 -1.36
CA VAL A 82 3.88 -17.80 -0.90
C VAL A 82 4.46 -17.90 0.51
N SER A 83 5.45 -17.06 0.83
CA SER A 83 6.05 -17.01 2.13
C SER A 83 5.08 -16.71 3.27
N VAL A 84 4.26 -15.67 3.14
CA VAL A 84 3.38 -15.30 4.23
C VAL A 84 2.22 -16.28 4.30
N TYR A 85 1.74 -16.72 3.15
CA TYR A 85 0.69 -17.70 3.10
C TYR A 85 1.10 -18.98 3.83
N ALA A 86 2.31 -19.44 3.55
CA ALA A 86 2.89 -20.64 4.16
C ALA A 86 2.99 -20.50 5.67
N LEU A 87 3.44 -19.33 6.15
CA LEU A 87 3.48 -19.05 7.61
C LEU A 87 2.08 -19.01 8.22
N VAL A 88 1.11 -18.46 7.52
CA VAL A 88 -0.24 -18.45 8.05
C VAL A 88 -0.73 -19.88 8.20
N LEU A 89 -0.57 -20.68 7.16
CA LEU A 89 -0.91 -22.13 7.19
C LEU A 89 -0.15 -22.96 8.23
N ALA A 90 1.12 -22.64 8.46
CA ALA A 90 1.92 -23.26 9.51
C ALA A 90 1.27 -23.16 10.90
N HIS A 91 0.50 -22.09 11.09
CA HIS A 91 -0.24 -21.85 12.34
C HIS A 91 -1.68 -22.36 12.28
N LEU A 92 -2.36 -22.22 11.14
CA LEU A 92 -3.79 -22.51 11.07
C LEU A 92 -4.16 -23.92 10.63
N GLY A 93 -3.26 -24.58 9.92
CA GLY A 93 -3.46 -25.97 9.53
C GLY A 93 -4.20 -26.19 8.21
N ARG A 94 -4.48 -27.47 7.93
CA ARG A 94 -5.03 -27.90 6.62
C ARG A 94 -6.38 -27.31 6.28
N GLU A 95 -7.30 -27.39 7.23
CA GLU A 95 -8.68 -27.03 6.98
C GLU A 95 -8.88 -25.51 6.98
N ALA A 96 -7.78 -24.75 6.94
CA ALA A 96 -7.82 -23.27 6.99
C ALA A 96 -7.56 -22.72 5.61
N LEU A 97 -8.46 -21.87 5.14
CA LEU A 97 -8.44 -21.40 3.78
C LEU A 97 -8.20 -19.88 3.77
N ALA A 98 -6.95 -19.46 3.96
CA ALA A 98 -6.58 -18.04 3.91
C ALA A 98 -6.62 -17.51 2.46
N VAL A 99 -7.39 -16.44 2.24
CA VAL A 99 -7.54 -15.81 0.93
C VAL A 99 -6.83 -14.46 0.92
N THR A 100 -5.91 -14.24 -0.02
CA THR A 100 -5.20 -12.94 -0.11
C THR A 100 -6.19 -11.81 -0.41
N THR A 101 -6.19 -10.78 0.42
CA THR A 101 -7.04 -9.60 0.19
C THR A 101 -6.23 -8.37 -0.19
N ASN A 102 -5.00 -8.27 0.33
CA ASN A 102 -4.15 -7.14 -0.05
C ASN A 102 -2.73 -7.53 -0.10
N ALA A 103 -1.99 -6.87 -1.01
CA ALA A 103 -0.55 -7.01 -1.14
C ALA A 103 0.08 -5.67 -1.47
N SER A 104 1.19 -5.35 -0.81
CA SER A 104 1.93 -4.19 -1.18
C SER A 104 3.39 -4.58 -1.28
N LEU A 105 4.08 -3.94 -2.19
CA LEU A 105 5.46 -4.27 -2.47
C LEU A 105 6.22 -3.02 -2.80
N ASP A 106 7.39 -2.85 -2.19
CA ASP A 106 8.33 -1.80 -2.54
C ASP A 106 9.59 -2.42 -3.15
N PHE A 107 9.97 -1.95 -4.34
CA PHE A 107 11.12 -2.48 -5.04
C PHE A 107 12.28 -1.50 -4.84
N ARG A 109 16.06 -2.45 -4.85
CA ARG A 109 17.27 -2.71 -5.61
C ARG A 109 17.01 -3.79 -6.64
N LYS A 110 17.77 -3.72 -7.73
CA LYS A 110 17.78 -4.74 -8.78
C LYS A 110 18.35 -6.01 -8.15
N PRO A 111 17.60 -7.15 -8.22
CA PRO A 111 18.14 -8.41 -7.80
C PRO A 111 19.46 -8.69 -8.51
N GLU A 112 20.36 -9.37 -7.80
CA GLU A 112 21.60 -9.82 -8.40
C GLU A 112 21.30 -10.97 -9.35
N SER A 113 21.68 -10.81 -10.61
CA SER A 113 21.48 -11.84 -11.63
C SER A 113 22.26 -13.12 -11.28
N GLY A 114 21.57 -14.26 -11.36
CA GLY A 114 22.21 -15.57 -11.22
C GLY A 114 22.19 -16.17 -9.83
N ARG A 115 21.39 -15.60 -8.91
CA ARG A 115 21.28 -16.05 -7.52
C ARG A 115 19.84 -16.30 -7.13
N ASP A 116 19.63 -17.24 -6.23
CA ASP A 116 18.29 -17.46 -5.69
C ASP A 116 17.89 -16.22 -4.93
N LEU A 117 16.58 -16.09 -4.78
CA LEU A 117 15.98 -15.01 -4.05
C LEU A 117 15.45 -15.60 -2.75
N LEU A 118 15.74 -14.95 -1.63
CA LEU A 118 15.27 -15.40 -0.34
C LEU A 118 14.26 -14.37 0.14
N GLY A 119 13.15 -14.87 0.65
CA GLY A 119 12.18 -14.10 1.37
C GLY A 119 12.10 -14.44 2.86
N GLN A 120 12.39 -13.45 3.69
CA GLN A 120 12.34 -13.60 5.14
C GLN A 120 11.07 -12.94 5.65
N ALA A 121 10.03 -13.75 5.86
CA ALA A 121 8.72 -13.27 6.30
C ALA A 121 8.58 -13.27 7.82
N ARG A 122 7.78 -12.36 8.34
CA ARG A 122 7.31 -12.48 9.71
C ARG A 122 5.83 -12.28 9.83
N LEU A 123 5.22 -13.04 10.71
CA LEU A 123 3.78 -12.95 10.94
C LEU A 123 3.55 -11.88 12.02
N LEU A 124 2.84 -10.82 11.69
CA LEU A 124 2.63 -9.72 12.62
C LEU A 124 1.28 -9.87 13.29
N LYS A 125 0.35 -10.54 12.66
CA LYS A 125 -0.97 -10.70 13.27
C LYS A 125 -1.68 -11.87 12.69
N LEU A 126 -2.44 -12.56 13.52
CA LEU A 126 -3.22 -13.71 13.17
C LEU A 126 -4.53 -13.62 13.94
N GLY A 127 -5.48 -12.83 13.45
CA GLY A 127 -6.70 -12.59 14.18
C GLY A 127 -7.77 -13.57 13.83
N ARG A 128 -9.00 -13.27 14.22
CA ARG A 128 -10.16 -14.12 13.96
C ARG A 128 -10.53 -14.10 12.48
N THR A 129 -10.38 -12.94 11.84
CA THR A 129 -10.80 -12.77 10.44
C THR A 129 -9.70 -12.34 9.45
N LEU A 130 -8.57 -11.86 9.96
CA LEU A 130 -7.51 -11.30 9.12
C LEU A 130 -6.17 -11.72 9.67
N ALA A 131 -5.26 -12.03 8.75
CA ALA A 131 -3.93 -12.38 9.12
C ALA A 131 -3.05 -11.38 8.39
N VAL A 132 -1.97 -10.92 9.01
CA VAL A 132 -1.10 -9.90 8.36
C VAL A 132 0.32 -10.28 8.57
N GLY A 133 1.16 -10.11 7.55
CA GLY A 133 2.58 -10.33 7.73
C GLY A 133 3.41 -9.55 6.76
N ASP A 134 4.68 -9.42 7.07
CA ASP A 134 5.54 -8.73 6.15
C ASP A 134 6.81 -9.54 5.83
N ILE A 135 7.65 -9.03 4.92
CA ILE A 135 8.70 -9.83 4.31
C ILE A 135 9.77 -8.89 3.68
N LEU A 136 11.04 -9.26 3.83
CA LEU A 136 12.18 -8.67 3.08
C LEU A 136 12.74 -9.70 2.10
N LEU A 137 12.94 -9.28 0.86
CA LEU A 137 13.47 -10.12 -0.19
C LEU A 137 14.94 -9.73 -0.39
N PHE A 138 15.77 -10.75 -0.59
CA PHE A 138 17.19 -10.62 -0.69
C PHE A 138 17.61 -11.43 -1.88
N SER A 139 18.61 -10.95 -2.63
CA SER A 139 19.41 -11.86 -3.43
C SER A 139 20.35 -12.56 -2.46
N GLU A 140 20.37 -13.87 -2.45
CA GLU A 140 21.08 -14.61 -1.45
C GLU A 140 22.55 -14.19 -1.41
N GLY A 141 23.04 -13.77 -0.24
CA GLY A 141 24.45 -13.38 -0.08
C GLY A 141 24.74 -11.89 -0.25
N GLU A 143 23.59 -8.26 1.25
CA GLU A 143 22.97 -7.87 2.51
C GLU A 143 21.83 -6.85 2.37
N ALA A 144 21.90 -6.00 1.34
CA ALA A 144 20.88 -4.98 1.10
C ALA A 144 19.64 -5.61 0.48
N PRO A 145 18.48 -5.47 1.14
CA PRO A 145 17.30 -6.14 0.55
C PRO A 145 16.90 -5.57 -0.80
N VAL A 146 16.54 -6.45 -1.72
CA VAL A 146 16.10 -5.98 -3.02
C VAL A 146 14.68 -5.42 -3.00
N ALA A 147 13.88 -5.86 -2.04
CA ALA A 147 12.45 -5.54 -2.01
C ALA A 147 11.88 -5.75 -0.63
N ARG A 148 10.71 -5.15 -0.36
CA ARG A 148 9.97 -5.40 0.88
C ARG A 148 8.49 -5.42 0.63
N SER A 149 7.75 -6.16 1.42
CA SER A 149 6.32 -6.38 1.15
C SER A 149 5.53 -6.62 2.40
N THR A 150 4.22 -6.35 2.32
CA THR A 150 3.26 -6.62 3.35
C THR A 150 2.15 -7.39 2.66
N THR A 152 -1.59 -9.34 3.40
CA THR A 152 -2.74 -9.52 4.27
C THR A 152 -3.71 -10.54 3.65
N TYR A 153 -4.31 -11.37 4.51
CA TYR A 153 -5.14 -12.49 4.14
C TYR A 153 -6.44 -12.47 4.92
N SER A 154 -7.52 -12.77 4.24
CA SER A 154 -8.79 -13.00 4.89
C SER A 154 -8.85 -14.44 5.33
N ILE A 155 -9.21 -14.66 6.59
CA ILE A 155 -9.48 -15.98 7.12
C ILE A 155 -10.99 -16.16 7.26
N PRO A 156 -11.60 -17.01 6.43
CA PRO A 156 -13.02 -17.32 6.64
C PRO A 156 -13.29 -18.54 7.56
N PRO A 157 -14.57 -18.76 7.97
CA PRO A 157 -15.07 -19.95 8.69
C PRO A 157 -14.47 -21.30 8.24
N ASN B 14 -12.84 11.62 -17.27
CA ASN B 14 -11.77 12.45 -17.92
C ASN B 14 -10.99 13.28 -16.91
N LEU B 15 -10.26 12.52 -16.11
CA LEU B 15 -9.34 12.99 -15.11
C LEU B 15 -8.21 13.77 -15.78
N TYR B 16 -7.72 14.81 -15.10
CA TYR B 16 -6.68 15.66 -15.68
C TYR B 16 -5.31 15.34 -15.04
N PHE B 17 -4.21 15.38 -15.81
CA PHE B 17 -2.85 15.38 -15.26
C PHE B 17 -1.90 16.13 -16.24
N GLN B 18 -0.85 16.75 -15.75
CA GLN B 18 0.12 17.37 -16.64
C GLN B 18 0.90 16.30 -17.37
N GLY B 19 0.90 16.39 -18.70
CA GLY B 19 1.77 15.60 -19.60
C GLY B 19 0.97 14.55 -20.34
N GLU B 21 -0.18 14.18 -23.54
CA GLU B 21 0.12 13.81 -24.94
C GLU B 21 0.90 12.49 -25.08
N LEU B 22 0.39 11.65 -25.99
CA LEU B 22 0.96 10.35 -26.38
C LEU B 22 2.02 10.55 -27.41
N VAL B 23 3.15 9.82 -27.30
CA VAL B 23 4.16 9.79 -28.37
C VAL B 23 4.11 8.47 -29.16
N PHE B 24 3.22 7.57 -28.78
CA PHE B 24 3.00 6.29 -29.45
C PHE B 24 1.51 6.22 -29.81
N ASP B 25 1.18 5.55 -30.91
CA ASP B 25 -0.21 5.15 -31.09
C ASP B 25 -0.41 3.70 -30.64
N LYS B 26 -1.64 3.23 -30.66
CA LYS B 26 -1.90 1.88 -30.18
C LYS B 26 -1.01 0.79 -30.81
N ASP B 27 -0.99 0.69 -32.13
CA ASP B 27 -0.26 -0.37 -32.81
C ASP B 27 1.23 -0.22 -32.58
N GLY B 28 1.68 1.03 -32.63
CA GLY B 28 3.07 1.38 -32.35
C GLY B 28 3.54 0.91 -30.99
N LEU B 29 2.77 1.24 -29.95
CA LEU B 29 3.07 0.79 -28.59
C LEU B 29 3.08 -0.75 -28.49
N SER B 30 2.16 -1.43 -29.16
CA SER B 30 2.16 -2.89 -29.16
C SER B 30 3.44 -3.44 -29.75
N ALA B 31 3.82 -2.93 -30.91
CA ALA B 31 5.09 -3.29 -31.53
C ALA B 31 6.22 -3.15 -30.51
N TYR B 32 6.31 -1.98 -29.87
CA TYR B 32 7.42 -1.70 -28.97
C TYR B 32 7.46 -2.61 -27.75
N LEU B 33 6.29 -2.91 -27.20
CA LEU B 33 6.23 -3.79 -26.05
C LEU B 33 6.61 -5.24 -26.40
N GLU B 34 6.17 -5.73 -27.56
CA GLU B 34 6.56 -7.09 -27.99
C GLU B 34 8.06 -7.14 -28.27
N GLU B 35 8.62 -6.02 -28.69
CA GLU B 35 10.06 -5.89 -28.91
C GLU B 35 10.84 -5.91 -27.58
N VAL B 36 10.37 -5.14 -26.60
CA VAL B 36 11.09 -4.99 -25.34
C VAL B 36 10.74 -6.07 -24.32
N PHE B 37 9.70 -6.85 -24.58
CA PHE B 37 9.24 -7.93 -23.71
C PHE B 37 8.77 -9.10 -24.56
N PRO B 38 9.72 -9.89 -25.12
CA PRO B 38 9.38 -11.00 -26.00
C PRO B 38 8.47 -12.05 -25.33
N GLN B 39 8.69 -12.26 -24.02
CA GLN B 39 7.82 -13.12 -23.21
C GLN B 39 6.32 -12.70 -23.19
N ILE B 40 6.03 -11.41 -23.31
CA ILE B 40 4.65 -10.87 -23.24
C ILE B 40 3.77 -11.24 -24.44
N GLN B 41 4.40 -11.54 -25.58
CA GLN B 41 3.68 -11.91 -26.80
C GLN B 41 2.84 -13.17 -26.56
N GLY B 42 1.55 -13.06 -26.79
CA GLY B 42 0.64 -14.15 -26.57
C GLY B 42 -0.10 -14.02 -25.27
N GLU B 43 0.46 -13.32 -24.29
CA GLU B 43 -0.21 -13.17 -23.00
C GLU B 43 -0.99 -11.88 -22.87
N PHE B 44 -0.33 -10.76 -23.16
CA PHE B 44 -0.93 -9.41 -22.99
C PHE B 44 -1.13 -8.71 -24.33
N SER B 45 -2.27 -8.06 -24.50
CA SER B 45 -2.51 -7.23 -25.70
C SER B 45 -3.31 -5.99 -25.34
N ILE B 46 -3.00 -4.88 -26.01
CA ILE B 46 -3.68 -3.60 -25.80
C ILE B 46 -4.99 -3.55 -26.54
N ASP B 47 -6.09 -3.41 -25.81
CA ASP B 47 -7.40 -3.23 -26.43
C ASP B 47 -7.68 -1.79 -26.82
N ALA B 48 -7.14 -0.84 -26.06
CA ALA B 48 -7.44 0.56 -26.27
C ALA B 48 -6.36 1.39 -25.62
N LEU B 49 -5.99 2.48 -26.27
CA LEU B 49 -5.05 3.46 -25.73
C LEU B 49 -5.72 4.81 -25.91
N ALA B 50 -5.73 5.61 -24.83
CA ALA B 50 -6.08 7.05 -24.88
C ALA B 50 -5.01 7.83 -24.13
N LYS B 51 -5.11 9.16 -24.12
CA LYS B 51 -4.09 10.02 -23.51
C LYS B 51 -3.92 9.68 -22.02
N GLY B 52 -5.03 9.33 -21.38
CA GLY B 52 -5.01 9.13 -19.95
C GLY B 52 -5.30 7.73 -19.47
N GLU B 53 -5.59 6.81 -20.39
CA GLU B 53 -6.06 5.47 -20.05
C GLU B 53 -5.66 4.41 -21.06
N ILE B 54 -5.52 3.17 -20.58
CA ILE B 54 -5.26 2.02 -21.40
C ILE B 54 -6.17 0.90 -20.94
N THR B 55 -6.62 0.06 -21.88
CA THR B 55 -7.15 -1.24 -21.54
C THR B 55 -6.19 -2.26 -22.09
N ARG B 57 -5.44 -6.48 -22.11
CA ARG B 57 -6.02 -7.80 -22.02
C ARG B 57 -4.97 -8.84 -21.61
N LEU B 58 -5.33 -9.68 -20.63
CA LEU B 58 -4.59 -10.89 -20.32
C LEU B 58 -5.33 -12.02 -21.03
N ASN B 59 -4.65 -12.66 -21.99
CA ASN B 59 -5.23 -13.82 -22.71
C ASN B 59 -5.24 -15.09 -21.84
N VAL B 60 -6.41 -15.43 -21.29
CA VAL B 60 -6.53 -16.52 -20.31
C VAL B 60 -6.16 -17.91 -20.89
N GLN B 61 -6.34 -18.08 -22.21
CA GLN B 61 -5.98 -19.32 -22.91
C GLN B 61 -4.50 -19.65 -22.73
N GLU B 62 -3.64 -18.64 -22.81
CA GLU B 62 -2.18 -18.77 -22.67
C GLU B 62 -1.73 -19.27 -21.32
N ARG B 63 -2.64 -19.39 -20.36
CA ARG B 63 -2.28 -19.83 -19.01
C ARG B 63 -2.56 -21.33 -18.83
N HIS B 64 -3.26 -21.92 -19.80
CA HIS B 64 -3.56 -23.34 -19.78
C HIS B 64 -3.95 -23.82 -18.38
N LEU B 65 -4.84 -23.07 -17.73
CA LEU B 65 -5.26 -23.35 -16.36
C LEU B 65 -6.11 -24.61 -16.29
N ARG B 66 -5.99 -25.35 -15.18
CA ARG B 66 -6.78 -26.53 -14.92
C ARG B 66 -8.28 -26.21 -14.95
N PRO B 67 -9.13 -27.26 -14.85
CA PRO B 67 -10.60 -27.05 -14.90
C PRO B 67 -11.13 -26.09 -13.83
N GLY B 68 -11.98 -25.14 -14.23
CA GLY B 68 -12.56 -24.16 -13.29
C GLY B 68 -11.58 -23.30 -12.47
N GLY B 69 -10.33 -23.25 -12.94
CA GLY B 69 -9.26 -22.52 -12.26
C GLY B 69 -9.20 -21.09 -12.77
N THR B 70 -8.59 -20.23 -11.96
CA THR B 70 -8.64 -18.80 -12.24
C THR B 70 -7.21 -18.21 -12.18
N VAL B 71 -7.10 -16.96 -12.59
CA VAL B 71 -5.81 -16.31 -12.79
C VAL B 71 -5.17 -15.99 -11.44
N SER B 72 -3.91 -16.35 -11.31
CA SER B 72 -3.18 -16.27 -10.07
C SER B 72 -2.94 -14.80 -9.75
N GLY B 73 -2.60 -14.53 -8.49
CA GLY B 73 -2.23 -13.21 -8.05
C GLY B 73 -1.01 -12.63 -8.73
N PRO B 74 0.02 -13.45 -8.94
CA PRO B 74 1.17 -12.89 -9.68
C PRO B 74 0.87 -12.54 -11.13
N SER B 75 -0.13 -13.20 -11.73
CA SER B 75 -0.56 -12.85 -13.09
C SER B 75 -1.39 -11.57 -13.10
N PHE B 77 -0.94 -9.25 -10.83
CA PHE B 77 0.13 -8.25 -10.64
C PHE B 77 0.78 -7.94 -11.97
N ALA B 78 1.06 -9.00 -12.74
CA ALA B 78 1.60 -8.88 -14.09
C ALA B 78 0.78 -7.94 -14.98
N LEU B 79 -0.54 -8.12 -14.97
CA LEU B 79 -1.42 -7.28 -15.77
C LEU B 79 -1.42 -5.84 -15.32
N ALA B 80 -1.46 -5.62 -14.00
CA ALA B 80 -1.56 -4.31 -13.45
C ALA B 80 -0.25 -3.54 -13.77
N ASP B 81 0.88 -4.22 -13.70
CA ASP B 81 2.23 -3.54 -13.87
C ASP B 81 2.48 -3.25 -15.34
N VAL B 82 2.22 -4.20 -16.24
CA VAL B 82 2.39 -3.95 -17.68
C VAL B 82 1.39 -2.91 -18.25
N SER B 83 0.14 -2.90 -17.76
CA SER B 83 -0.84 -1.84 -18.08
C SER B 83 -0.30 -0.42 -17.75
N VAL B 84 0.01 -0.18 -16.48
CA VAL B 84 0.44 1.16 -16.11
C VAL B 84 1.82 1.47 -16.74
N TYR B 85 2.71 0.49 -16.78
CA TYR B 85 4.02 0.72 -17.43
C TYR B 85 3.85 1.06 -18.92
N ALA B 86 2.96 0.32 -19.62
CA ALA B 86 2.65 0.61 -21.04
C ALA B 86 2.12 2.03 -21.21
N LEU B 87 1.23 2.44 -20.33
CA LEU B 87 0.68 3.81 -20.42
C LEU B 87 1.73 4.88 -20.19
N VAL B 88 2.68 4.64 -19.31
CA VAL B 88 3.76 5.58 -19.06
C VAL B 88 4.70 5.66 -20.26
N LEU B 89 5.06 4.50 -20.80
CA LEU B 89 5.84 4.43 -22.05
C LEU B 89 5.15 5.16 -23.19
N ALA B 90 3.85 4.94 -23.33
CA ALA B 90 3.05 5.67 -24.29
C ALA B 90 3.27 7.19 -24.29
N HIS B 91 3.71 7.75 -23.16
CA HIS B 91 3.94 9.17 -23.04
C HIS B 91 5.43 9.59 -23.12
N LEU B 92 6.33 8.75 -22.61
CA LEU B 92 7.75 9.12 -22.49
C LEU B 92 8.58 8.56 -23.65
N GLY B 93 8.12 7.51 -24.31
CA GLY B 93 8.80 6.97 -25.48
C GLY B 93 9.88 5.93 -25.19
N ARG B 94 10.68 5.63 -26.23
CA ARG B 94 11.72 4.60 -26.19
C ARG B 94 12.87 4.90 -25.22
N GLU B 95 13.37 6.13 -25.24
CA GLU B 95 14.55 6.49 -24.45
C GLU B 95 14.33 6.50 -22.92
N ALA B 96 13.10 6.24 -22.46
CA ALA B 96 12.76 6.34 -21.03
C ALA B 96 12.72 4.97 -20.38
N LEU B 97 13.27 4.91 -19.18
CA LEU B 97 13.37 3.69 -18.42
C LEU B 97 12.54 3.81 -17.14
N ALA B 98 11.23 3.66 -17.22
CA ALA B 98 10.39 3.59 -16.00
C ALA B 98 10.69 2.28 -15.25
N VAL B 99 10.93 2.38 -13.95
CA VAL B 99 11.36 1.28 -13.12
C VAL B 99 10.38 1.24 -11.97
N THR B 100 9.64 0.14 -11.82
CA THR B 100 8.67 0.04 -10.75
C THR B 100 9.34 0.23 -9.39
N THR B 101 8.80 1.13 -8.58
CA THR B 101 9.20 1.32 -7.18
C THR B 101 8.18 0.87 -6.14
N ASN B 102 6.88 1.00 -6.39
CA ASN B 102 5.88 0.50 -5.42
C ASN B 102 4.74 -0.06 -6.18
N ALA B 103 4.10 -1.03 -5.57
CA ALA B 103 2.98 -1.68 -6.12
C ALA B 103 2.01 -2.02 -4.99
N SER B 104 0.73 -1.78 -5.20
CA SER B 104 -0.27 -2.32 -4.28
C SER B 104 -1.39 -2.87 -5.05
N LEU B 105 -1.94 -3.97 -4.53
CA LEU B 105 -3.08 -4.66 -5.15
C LEU B 105 -4.04 -5.00 -4.08
N ASP B 106 -5.33 -4.80 -4.35
CA ASP B 106 -6.42 -5.30 -3.49
C ASP B 106 -7.22 -6.32 -4.25
N PHE B 107 -7.40 -7.52 -3.69
CA PHE B 107 -8.14 -8.58 -4.36
C PHE B 107 -9.52 -8.65 -3.75
N ARG B 109 -12.79 -9.94 -5.59
CA ARG B 109 -13.62 -11.07 -6.02
C ARG B 109 -12.78 -12.07 -6.79
N LYS B 110 -13.21 -13.33 -6.83
CA LYS B 110 -12.49 -14.34 -7.62
C LYS B 110 -12.73 -14.02 -9.10
N PRO B 111 -11.69 -14.13 -9.95
CA PRO B 111 -12.04 -14.04 -11.36
C PRO B 111 -13.08 -15.08 -11.82
N GLU B 112 -13.76 -14.77 -12.93
CA GLU B 112 -14.59 -15.75 -13.62
C GLU B 112 -13.67 -16.71 -14.39
N SER B 113 -13.89 -18.00 -14.23
CA SER B 113 -13.02 -18.97 -14.86
C SER B 113 -13.42 -19.09 -16.33
N GLY B 114 -12.44 -19.10 -17.22
CA GLY B 114 -12.68 -19.18 -18.67
C GLY B 114 -12.96 -17.88 -19.43
N ARG B 115 -12.72 -16.72 -18.81
CA ARG B 115 -12.86 -15.40 -19.46
C ARG B 115 -11.52 -14.68 -19.37
N ASP B 116 -11.17 -13.82 -20.33
CA ASP B 116 -9.93 -13.01 -20.23
C ASP B 116 -10.05 -11.98 -19.11
N LEU B 117 -8.94 -11.42 -18.68
CA LEU B 117 -8.93 -10.45 -17.63
C LEU B 117 -8.53 -9.13 -18.28
N LEU B 118 -9.21 -8.07 -17.92
CA LEU B 118 -9.01 -6.77 -18.49
C LEU B 118 -8.56 -5.84 -17.39
N GLY B 119 -7.48 -5.12 -17.65
CA GLY B 119 -7.07 -4.06 -16.78
C GLY B 119 -7.29 -2.69 -17.39
N GLN B 120 -8.19 -1.93 -16.78
CA GLN B 120 -8.47 -0.57 -17.18
C GLN B 120 -7.67 0.36 -16.26
N ALA B 121 -6.52 0.81 -16.76
CA ALA B 121 -5.60 1.67 -16.08
C ALA B 121 -5.85 3.13 -16.39
N ARG B 122 -5.58 3.98 -15.41
CA ARG B 122 -5.49 5.41 -15.69
C ARG B 122 -4.21 6.02 -15.10
N LEU B 123 -3.66 7.01 -15.78
CA LEU B 123 -2.44 7.67 -15.31
C LEU B 123 -2.88 8.88 -14.44
N LEU B 124 -2.26 8.99 -13.28
CA LEU B 124 -2.62 10.00 -12.32
C LEU B 124 -1.52 11.05 -12.25
N LYS B 125 -0.28 10.69 -12.58
CA LYS B 125 0.82 11.64 -12.48
C LYS B 125 1.98 11.16 -13.33
N LEU B 126 2.64 12.10 -13.98
CA LEU B 126 3.81 11.86 -14.75
C LEU B 126 4.72 13.04 -14.45
N GLY B 127 5.61 12.87 -13.49
CA GLY B 127 6.42 13.96 -12.97
C GLY B 127 7.81 13.96 -13.51
N ARG B 128 8.70 14.69 -12.83
CA ARG B 128 10.10 14.76 -13.22
C ARG B 128 10.71 13.38 -12.93
N THR B 129 10.50 12.89 -11.72
CA THR B 129 11.15 11.69 -11.23
C THR B 129 10.20 10.51 -11.02
N LEU B 130 8.91 10.75 -10.94
CA LEU B 130 7.97 9.71 -10.51
C LEU B 130 6.73 9.70 -11.37
N ALA B 131 6.17 8.51 -11.61
CA ALA B 131 4.92 8.32 -12.31
C ALA B 131 3.99 7.43 -11.48
N VAL B 132 2.70 7.75 -11.45
CA VAL B 132 1.71 6.99 -10.63
C VAL B 132 0.50 6.73 -11.48
N GLY B 133 -0.03 5.51 -11.37
CA GLY B 133 -1.19 5.15 -12.12
C GLY B 133 -1.98 4.16 -11.31
N ASP B 134 -3.24 4.00 -11.66
CA ASP B 134 -3.99 2.99 -10.97
C ASP B 134 -4.82 2.24 -11.96
N ILE B 135 -5.40 1.15 -11.52
CA ILE B 135 -5.95 0.17 -12.44
C ILE B 135 -7.02 -0.59 -11.73
N LEU B 136 -8.06 -0.91 -12.47
CA LEU B 136 -9.08 -1.82 -12.02
C LEU B 136 -9.07 -3.05 -12.94
N LEU B 137 -9.22 -4.27 -12.37
CA LEU B 137 -9.12 -5.51 -13.10
C LEU B 137 -10.53 -6.12 -13.09
N PHE B 138 -10.99 -6.57 -14.27
CA PHE B 138 -12.31 -7.18 -14.43
C PHE B 138 -12.09 -8.48 -15.17
N SER B 139 -12.93 -9.45 -14.88
CA SER B 139 -13.19 -10.54 -15.80
C SER B 139 -14.08 -9.97 -16.88
N GLU B 140 -13.78 -10.24 -18.14
CA GLU B 140 -14.39 -9.51 -19.23
C GLU B 140 -15.84 -9.89 -19.24
N GLY B 141 -16.69 -8.87 -19.35
CA GLY B 141 -18.14 -9.00 -19.30
C GLY B 141 -18.80 -9.08 -17.94
N GLU B 143 -19.42 -7.02 -14.47
CA GLU B 143 -19.38 -5.59 -14.07
C GLU B 143 -18.51 -5.32 -12.83
N ALA B 144 -18.59 -6.19 -11.82
CA ALA B 144 -17.88 -6.00 -10.55
C ALA B 144 -16.41 -6.29 -10.70
N PRO B 145 -15.53 -5.30 -10.44
CA PRO B 145 -14.10 -5.49 -10.61
C PRO B 145 -13.54 -6.51 -9.64
N VAL B 146 -12.76 -7.44 -10.16
CA VAL B 146 -12.09 -8.43 -9.32
C VAL B 146 -10.98 -7.87 -8.42
N ALA B 147 -10.28 -6.85 -8.87
CA ALA B 147 -9.09 -6.36 -8.18
C ALA B 147 -8.84 -4.88 -8.49
N ARG B 148 -8.26 -4.15 -7.53
CA ARG B 148 -7.76 -2.77 -7.79
C ARG B 148 -6.29 -2.71 -7.48
N SER B 149 -5.57 -1.83 -8.17
CA SER B 149 -4.13 -1.66 -7.96
C SER B 149 -3.66 -0.28 -8.24
N THR B 150 -2.56 0.14 -7.58
CA THR B 150 -1.80 1.36 -7.80
C THR B 150 -0.39 0.93 -8.07
N THR B 152 3.58 2.62 -9.00
CA THR B 152 4.41 3.83 -8.99
C THR B 152 5.71 3.42 -9.62
N TYR B 153 6.24 4.31 -10.46
CA TYR B 153 7.43 4.07 -11.26
C TYR B 153 8.39 5.20 -11.06
N SER B 154 9.66 4.89 -11.01
CA SER B 154 10.70 5.88 -10.97
C SER B 154 11.15 6.17 -12.41
N ILE B 155 11.28 7.44 -12.75
CA ILE B 155 11.85 7.85 -14.01
C ILE B 155 13.23 8.44 -13.78
N PRO B 156 14.29 7.75 -14.26
CA PRO B 156 15.64 8.35 -14.25
C PRO B 156 15.86 9.46 -15.32
N PRO B 157 17.07 10.09 -15.30
CA PRO B 157 17.52 11.06 -16.31
C PRO B 157 18.56 10.45 -17.29
N GLU C 21 -28.01 0.00 -2.14
CA GLU C 21 -28.73 1.30 -2.17
C GLU C 21 -28.61 2.00 -0.79
N LEU C 22 -28.53 3.34 -0.79
CA LEU C 22 -28.26 4.10 0.44
C LEU C 22 -29.40 3.98 1.45
N VAL C 23 -29.03 3.88 2.72
CA VAL C 23 -29.99 3.94 3.84
C VAL C 23 -29.77 5.24 4.64
N PHE C 24 -29.45 6.32 3.92
CA PHE C 24 -29.03 7.60 4.49
C PHE C 24 -29.05 8.65 3.39
N ASP C 25 -29.45 9.87 3.70
CA ASP C 25 -29.33 10.98 2.74
C ASP C 25 -28.23 11.94 3.18
N LYS C 26 -27.85 12.85 2.29
CA LYS C 26 -26.73 13.76 2.56
C LYS C 26 -26.85 14.45 3.93
N ASP C 27 -28.08 14.86 4.27
CA ASP C 27 -28.34 15.62 5.47
C ASP C 27 -28.27 14.74 6.72
N GLY C 28 -28.96 13.61 6.67
CA GLY C 28 -28.92 12.62 7.75
C GLY C 28 -27.53 12.15 8.11
N LEU C 29 -26.76 11.76 7.09
CA LEU C 29 -25.39 11.24 7.27
C LEU C 29 -24.43 12.30 7.84
N SER C 30 -24.60 13.55 7.40
CA SER C 30 -23.87 14.68 7.98
C SER C 30 -24.18 14.87 9.47
N ALA C 31 -25.45 14.63 9.83
CA ALA C 31 -25.90 14.72 11.21
C ALA C 31 -25.29 13.60 12.03
N TYR C 32 -25.41 12.39 11.50
CA TYR C 32 -24.89 11.21 12.18
C TYR C 32 -23.36 11.24 12.33
N LEU C 33 -22.66 11.75 11.33
CA LEU C 33 -21.21 11.91 11.43
C LEU C 33 -20.82 12.85 12.58
N GLU C 34 -21.53 13.97 12.70
CA GLU C 34 -21.30 14.92 13.81
C GLU C 34 -21.58 14.24 15.16
N GLU C 35 -22.55 13.34 15.18
CA GLU C 35 -22.84 12.50 16.35
C GLU C 35 -21.71 11.48 16.58
N VAL C 36 -21.38 10.73 15.54
CA VAL C 36 -20.32 9.70 15.60
C VAL C 36 -18.98 10.28 16.08
N PHE C 37 -18.47 11.31 15.41
CA PHE C 37 -17.16 11.90 15.73
C PHE C 37 -17.25 13.41 16.00
N PRO C 38 -17.79 13.82 17.16
CA PRO C 38 -18.00 15.26 17.43
C PRO C 38 -16.72 16.05 17.68
N GLN C 39 -15.65 15.35 18.09
CA GLN C 39 -14.31 15.95 18.21
C GLN C 39 -13.95 16.83 17.02
N ILE C 40 -14.07 16.28 15.81
CA ILE C 40 -13.74 16.97 14.55
C ILE C 40 -14.91 17.81 13.99
N GLN C 41 -15.39 18.76 14.79
CA GLN C 41 -16.55 19.59 14.42
C GLN C 41 -16.14 20.72 13.47
N GLY C 42 -16.90 20.87 12.38
CA GLY C 42 -16.66 21.92 11.39
C GLY C 42 -15.40 21.80 10.54
N GLU C 43 -14.80 20.60 10.51
CA GLU C 43 -13.66 20.34 9.64
C GLU C 43 -14.10 19.71 8.33
N PHE C 44 -15.06 18.79 8.40
CA PHE C 44 -15.45 18.00 7.26
C PHE C 44 -16.90 18.21 6.93
N SER C 45 -17.21 18.40 5.65
CA SER C 45 -18.59 18.51 5.17
C SER C 45 -18.79 17.74 3.86
N ILE C 46 -19.99 17.17 3.68
CA ILE C 46 -20.36 16.45 2.45
C ILE C 46 -20.83 17.45 1.36
N ASP C 47 -20.16 17.48 0.21
CA ASP C 47 -20.67 18.25 -0.93
C ASP C 47 -21.72 17.46 -1.70
N ALA C 48 -21.51 16.16 -1.88
CA ALA C 48 -22.43 15.33 -2.66
C ALA C 48 -22.41 13.89 -2.15
N LEU C 49 -23.57 13.24 -2.19
CA LEU C 49 -23.67 11.84 -1.81
C LEU C 49 -24.52 11.09 -2.86
N ALA C 50 -24.13 9.86 -3.15
CA ALA C 50 -24.77 9.05 -4.19
C ALA C 50 -24.48 7.57 -3.88
N LYS C 51 -25.18 6.66 -4.56
CA LYS C 51 -25.14 5.21 -4.23
C LYS C 51 -23.71 4.66 -3.99
N GLY C 52 -22.76 4.97 -4.86
CA GLY C 52 -21.38 4.49 -4.66
C GLY C 52 -20.32 5.58 -4.70
N GLU C 53 -20.75 6.82 -4.50
CA GLU C 53 -19.86 7.97 -4.59
C GLU C 53 -20.21 8.99 -3.50
N ILE C 54 -19.19 9.61 -2.93
CA ILE C 54 -19.32 10.73 -2.02
C ILE C 54 -18.25 11.78 -2.37
N THR C 55 -18.57 13.06 -2.20
CA THR C 55 -17.56 14.12 -2.22
C THR C 55 -17.56 14.82 -0.87
N ARG C 57 -15.68 17.43 1.77
CA ARG C 57 -14.89 18.64 1.76
C ARG C 57 -14.17 18.83 3.10
N LEU C 58 -12.87 19.19 3.06
CA LEU C 58 -12.12 19.61 4.23
C LEU C 58 -12.01 21.12 4.16
N ASN C 59 -12.61 21.79 5.14
CA ASN C 59 -12.63 23.25 5.20
C ASN C 59 -11.31 23.73 5.79
N VAL C 60 -10.41 24.20 4.93
CA VAL C 60 -9.07 24.63 5.34
C VAL C 60 -9.05 25.91 6.22
N GLN C 61 -10.17 26.65 6.27
CA GLN C 61 -10.31 27.77 7.24
C GLN C 61 -10.26 27.26 8.69
N GLU C 62 -10.85 26.08 8.94
CA GLU C 62 -10.83 25.44 10.26
C GLU C 62 -9.42 25.02 10.71
N ARG C 63 -8.56 24.65 9.77
CA ARG C 63 -7.18 24.24 10.08
C ARG C 63 -6.39 25.34 10.80
N HIS C 64 -6.66 26.60 10.46
CA HIS C 64 -5.94 27.75 11.00
C HIS C 64 -4.42 27.59 10.82
N LEU C 65 -4.02 27.42 9.56
CA LEU C 65 -2.60 27.39 9.20
C LEU C 65 -2.10 28.82 9.01
N ARG C 66 -0.81 29.04 9.25
CA ARG C 66 -0.17 30.31 8.89
C ARG C 66 -0.40 30.55 7.39
N PRO C 67 -0.37 31.83 6.94
CA PRO C 67 -0.50 32.13 5.49
C PRO C 67 0.52 31.38 4.63
N GLY C 68 0.15 31.05 3.39
CA GLY C 68 1.01 30.26 2.50
C GLY C 68 1.23 28.81 2.96
N GLY C 69 0.30 28.28 3.75
CA GLY C 69 0.42 26.92 4.31
C GLY C 69 -0.57 25.98 3.66
N THR C 70 -0.25 24.68 3.73
CA THR C 70 -1.04 23.66 3.03
C THR C 70 -1.42 22.52 3.96
N VAL C 71 -2.55 21.88 3.66
CA VAL C 71 -3.07 20.76 4.44
C VAL C 71 -1.98 19.67 4.56
N SER C 72 -1.88 19.08 5.75
CA SER C 72 -0.83 18.13 6.10
C SER C 72 -1.15 16.72 5.62
N GLY C 73 -0.12 15.87 5.59
CA GLY C 73 -0.29 14.44 5.34
C GLY C 73 -1.37 13.79 6.20
N PRO C 74 -1.26 13.91 7.53
CA PRO C 74 -2.31 13.44 8.45
C PRO C 74 -3.74 13.94 8.18
N SER C 75 -3.90 15.21 7.84
CA SER C 75 -5.23 15.77 7.49
C SER C 75 -5.74 15.15 6.20
N PHE C 77 -4.86 12.12 5.21
CA PHE C 77 -5.26 10.81 5.68
C PHE C 77 -6.69 10.85 6.26
N ALA C 78 -6.92 11.83 7.12
CA ALA C 78 -8.21 12.00 7.81
C ALA C 78 -9.36 12.15 6.84
N LEU C 79 -9.14 12.99 5.83
CA LEU C 79 -10.11 13.20 4.76
C LEU C 79 -10.44 11.90 4.02
N ALA C 80 -9.40 11.16 3.64
CA ALA C 80 -9.55 9.85 2.94
C ALA C 80 -10.33 8.88 3.77
N ASP C 81 -9.91 8.77 5.04
CA ASP C 81 -10.53 7.84 5.97
C ASP C 81 -11.99 8.22 6.26
N VAL C 82 -12.28 9.49 6.52
CA VAL C 82 -13.67 9.87 6.82
C VAL C 82 -14.63 9.69 5.63
N SER C 83 -14.13 9.98 4.42
CA SER C 83 -14.90 9.89 3.16
C SER C 83 -15.37 8.48 2.87
N VAL C 84 -14.43 7.51 2.88
CA VAL C 84 -14.78 6.12 2.58
C VAL C 84 -15.63 5.53 3.73
N TYR C 85 -15.29 5.89 4.97
CA TYR C 85 -16.09 5.46 6.13
C TYR C 85 -17.54 5.97 6.07
N ALA C 86 -17.72 7.26 5.76
CA ALA C 86 -19.04 7.85 5.52
C ALA C 86 -19.83 7.05 4.50
N LEU C 87 -19.15 6.61 3.45
CA LEU C 87 -19.80 5.89 2.35
C LEU C 87 -20.17 4.46 2.77
N VAL C 88 -19.33 3.83 3.58
CA VAL C 88 -19.59 2.52 4.14
C VAL C 88 -20.81 2.61 5.07
N LEU C 89 -20.79 3.56 6.01
CA LEU C 89 -21.98 3.86 6.84
C LEU C 89 -23.22 4.17 5.99
N ALA C 90 -23.04 4.97 4.93
CA ALA C 90 -24.16 5.36 4.07
C ALA C 90 -25.04 4.17 3.74
N HIS C 91 -24.41 3.04 3.41
CA HIS C 91 -25.13 1.81 3.03
C HIS C 91 -25.48 0.89 4.18
N LEU C 92 -24.59 0.77 5.17
CA LEU C 92 -24.79 -0.22 6.24
C LEU C 92 -25.64 0.30 7.42
N GLY C 93 -25.59 1.60 7.69
CA GLY C 93 -26.43 2.23 8.73
C GLY C 93 -25.69 2.52 10.04
N ARG C 94 -26.48 2.90 11.05
CA ARG C 94 -25.96 3.30 12.38
C ARG C 94 -25.37 2.09 13.12
N GLU C 95 -26.00 0.93 12.94
CA GLU C 95 -25.52 -0.32 13.53
C GLU C 95 -24.09 -0.66 13.10
N ALA C 96 -23.84 -0.74 11.80
CA ALA C 96 -22.53 -1.15 11.23
C ALA C 96 -21.31 -0.55 11.94
N LEU C 97 -20.53 -1.43 12.58
CA LEU C 97 -19.38 -1.00 13.37
C LEU C 97 -18.09 -1.28 12.59
N ALA C 98 -17.91 -0.57 11.47
CA ALA C 98 -16.77 -0.78 10.55
C ALA C 98 -15.46 -0.12 11.01
N VAL C 99 -14.35 -0.82 10.80
CA VAL C 99 -13.06 -0.47 11.40
C VAL C 99 -11.94 -0.39 10.34
N THR C 100 -11.18 0.70 10.30
CA THR C 100 -10.06 0.76 9.34
C THR C 100 -9.03 -0.36 9.60
N THR C 101 -8.70 -1.14 8.57
CA THR C 101 -7.69 -2.18 8.69
C THR C 101 -6.48 -1.86 7.81
N ASN C 102 -6.68 -1.18 6.69
CA ASN C 102 -5.55 -0.71 5.87
C ASN C 102 -5.83 0.65 5.21
N ALA C 103 -4.77 1.40 4.98
CA ALA C 103 -4.82 2.71 4.38
C ALA C 103 -3.55 2.84 3.55
N SER C 104 -3.67 3.27 2.30
CA SER C 104 -2.54 3.65 1.47
C SER C 104 -2.83 4.98 0.86
N LEU C 105 -1.80 5.81 0.75
CA LEU C 105 -1.93 7.14 0.25
C LEU C 105 -0.75 7.46 -0.59
N ASP C 106 -1.00 7.94 -1.80
CA ASP C 106 0.07 8.44 -2.65
C ASP C 106 -0.06 9.93 -2.73
N PHE C 107 1.04 10.63 -2.47
CA PHE C 107 1.04 12.08 -2.42
C PHE C 107 1.69 12.58 -3.68
N ARG C 109 0.88 15.82 -5.68
CA ARG C 109 1.13 17.23 -5.97
C ARG C 109 0.87 18.06 -4.70
N LYS C 110 1.68 19.12 -4.50
CA LYS C 110 1.53 20.05 -3.35
C LYS C 110 0.18 20.76 -3.42
N PRO C 111 -0.62 20.72 -2.33
CA PRO C 111 -1.91 21.41 -2.37
C PRO C 111 -1.80 22.93 -2.46
N GLU C 112 -2.81 23.55 -3.09
CA GLU C 112 -2.81 25.00 -3.30
C GLU C 112 -3.17 25.66 -1.96
N SER C 113 -2.31 26.59 -1.51
CA SER C 113 -2.48 27.25 -0.21
C SER C 113 -3.79 28.02 -0.16
N GLY C 114 -4.52 27.84 0.94
CA GLY C 114 -5.76 28.54 1.15
C GLY C 114 -7.00 27.93 0.53
N ARG C 115 -6.84 26.81 -0.17
CA ARG C 115 -7.96 26.15 -0.84
C ARG C 115 -8.46 24.99 -0.04
N ASP C 116 -9.77 24.79 -0.02
CA ASP C 116 -10.35 23.57 0.53
C ASP C 116 -9.82 22.29 -0.18
N LEU C 117 -9.79 21.17 0.52
CA LEU C 117 -9.42 19.90 -0.07
C LEU C 117 -10.74 19.16 -0.29
N LEU C 118 -10.89 18.54 -1.46
CA LEU C 118 -12.09 17.77 -1.76
C LEU C 118 -11.72 16.30 -1.97
N GLY C 119 -12.53 15.40 -1.38
CA GLY C 119 -12.30 13.98 -1.48
C GLY C 119 -13.39 13.33 -2.28
N GLN C 120 -13.07 12.86 -3.48
CA GLN C 120 -14.01 12.14 -4.34
C GLN C 120 -13.79 10.67 -4.14
N ALA C 121 -14.71 10.02 -3.44
CA ALA C 121 -14.48 8.68 -2.96
C ALA C 121 -15.46 7.76 -3.60
N ARG C 122 -15.01 6.60 -4.07
CA ARG C 122 -15.95 5.58 -4.55
C ARG C 122 -15.79 4.31 -3.77
N LEU C 123 -16.88 3.53 -3.71
CA LEU C 123 -16.88 2.24 -3.00
C LEU C 123 -16.74 1.14 -4.03
N LEU C 124 -15.76 0.25 -3.86
CA LEU C 124 -15.43 -0.78 -4.85
C LEU C 124 -15.91 -2.13 -4.36
N LYS C 125 -15.85 -2.34 -3.06
CA LYS C 125 -16.38 -3.55 -2.45
C LYS C 125 -17.07 -3.23 -1.15
N LEU C 126 -18.22 -3.87 -0.94
CA LEU C 126 -18.85 -3.85 0.35
C LEU C 126 -19.36 -5.26 0.54
N GLY C 127 -18.48 -6.12 1.07
CA GLY C 127 -18.79 -7.53 1.24
C GLY C 127 -19.23 -7.86 2.64
N ARG C 128 -19.39 -9.16 2.89
CA ARG C 128 -19.84 -9.68 4.18
C ARG C 128 -18.95 -9.19 5.32
N THR C 129 -17.64 -9.17 5.07
CA THR C 129 -16.65 -8.91 6.11
C THR C 129 -15.67 -7.76 5.80
N LEU C 130 -15.64 -7.28 4.56
CA LEU C 130 -14.60 -6.33 4.16
C LEU C 130 -15.14 -5.33 3.13
N ALA C 131 -14.90 -4.04 3.35
CA ALA C 131 -15.22 -2.94 2.41
C ALA C 131 -13.92 -2.32 1.93
N VAL C 132 -13.89 -1.86 0.68
CA VAL C 132 -12.68 -1.24 0.07
C VAL C 132 -13.24 -0.09 -0.70
N GLY C 133 -12.69 1.09 -0.50
CA GLY C 133 -13.04 2.23 -1.33
C GLY C 133 -11.78 2.91 -1.74
N ASP C 134 -11.79 3.64 -2.85
CA ASP C 134 -10.67 4.49 -3.13
C ASP C 134 -11.14 5.94 -3.25
N ILE C 135 -10.19 6.83 -3.35
CA ILE C 135 -10.48 8.23 -3.22
C ILE C 135 -9.43 9.04 -3.95
N LEU C 136 -9.88 10.08 -4.67
CA LEU C 136 -8.94 11.10 -5.14
C LEU C 136 -9.22 12.37 -4.34
N LEU C 137 -8.14 13.10 -4.04
CA LEU C 137 -8.15 14.33 -3.30
C LEU C 137 -7.68 15.44 -4.22
N PHE C 138 -8.40 16.56 -4.17
CA PHE C 138 -8.10 17.76 -4.97
C PHE C 138 -8.06 19.03 -4.11
N SER C 139 -7.08 19.89 -4.35
CA SER C 139 -7.17 21.30 -3.99
C SER C 139 -8.22 21.94 -4.87
N GLU C 140 -9.28 22.49 -4.29
CA GLU C 140 -10.39 23.03 -5.07
C GLU C 140 -9.91 24.06 -6.11
N GLY C 141 -10.35 23.88 -7.36
CA GLY C 141 -9.89 24.72 -8.47
C GLY C 141 -8.84 24.07 -9.36
N GLU C 143 -7.53 20.83 -11.14
CA GLU C 143 -8.13 19.60 -11.67
C GLU C 143 -7.23 18.36 -11.56
N ALA C 144 -5.92 18.55 -11.53
CA ALA C 144 -4.96 17.49 -11.31
C ALA C 144 -4.95 17.12 -9.81
N PRO C 145 -5.21 15.82 -9.46
CA PRO C 145 -5.36 15.48 -8.04
C PRO C 145 -4.08 15.64 -7.24
N VAL C 146 -4.21 16.08 -5.99
CA VAL C 146 -3.06 16.19 -5.11
C VAL C 146 -2.73 14.82 -4.53
N ALA C 147 -3.75 13.95 -4.32
CA ALA C 147 -3.46 12.65 -3.80
C ALA C 147 -4.50 11.63 -4.19
N ARG C 148 -4.10 10.35 -4.07
CA ARG C 148 -5.08 9.26 -4.04
C ARG C 148 -4.84 8.28 -2.89
N SER C 149 -5.88 7.58 -2.50
CA SER C 149 -5.81 6.67 -1.40
C SER C 149 -6.78 5.50 -1.57
N THR C 150 -6.38 4.36 -1.02
CA THR C 150 -7.30 3.23 -0.87
C THR C 150 -7.46 3.03 0.61
N THR C 152 -9.32 0.28 3.34
CA THR C 152 -9.99 -0.97 3.59
C THR C 152 -10.47 -0.99 5.06
N TYR C 153 -11.67 -1.54 5.26
CA TYR C 153 -12.31 -1.64 6.56
C TYR C 153 -12.76 -3.07 6.80
N SER C 154 -12.87 -3.48 8.04
CA SER C 154 -13.52 -4.74 8.35
C SER C 154 -14.87 -4.47 8.98
N ILE C 155 -15.82 -5.35 8.71
CA ILE C 155 -17.17 -5.25 9.19
C ILE C 155 -17.34 -6.46 10.10
N PRO C 156 -17.46 -6.23 11.41
CA PRO C 156 -17.83 -7.35 12.31
C PRO C 156 -19.30 -7.80 12.15
N PRO C 157 -19.63 -9.03 12.62
CA PRO C 157 -20.97 -9.60 12.57
C PRO C 157 -22.12 -8.60 12.29
N GLU D 21 26.51 6.82 8.05
CA GLU D 21 26.97 7.78 9.11
C GLU D 21 25.87 8.81 9.39
N LEU D 22 25.63 9.09 10.68
CA LEU D 22 24.62 10.08 11.11
C LEU D 22 25.26 11.46 11.18
N VAL D 23 24.51 12.47 10.75
CA VAL D 23 24.95 13.88 10.89
C VAL D 23 24.24 14.61 12.04
N PHE D 24 23.27 13.96 12.66
CA PHE D 24 22.59 14.49 13.83
C PHE D 24 22.83 13.53 15.01
N ASP D 25 22.73 14.07 16.23
CA ASP D 25 22.62 13.26 17.43
C ASP D 25 21.20 13.43 17.97
N LYS D 26 20.83 12.64 18.97
CA LYS D 26 19.46 12.64 19.46
C LYS D 26 18.93 14.04 19.78
N ASP D 27 19.72 14.84 20.49
CA ASP D 27 19.30 16.20 20.87
C ASP D 27 19.35 17.16 19.68
N GLY D 28 20.42 17.08 18.89
CA GLY D 28 20.51 17.82 17.63
C GLY D 28 19.30 17.60 16.72
N LEU D 29 18.88 16.34 16.62
CA LEU D 29 17.71 15.95 15.82
C LEU D 29 16.42 16.44 16.48
N SER D 30 16.29 16.17 17.79
CA SER D 30 15.13 16.62 18.57
C SER D 30 14.94 18.13 18.47
N ALA D 31 16.06 18.84 18.48
CA ALA D 31 16.07 20.29 18.37
C ALA D 31 15.58 20.72 16.99
N TYR D 32 16.20 20.16 15.96
CA TYR D 32 15.87 20.51 14.58
C TYR D 32 14.42 20.18 14.20
N LEU D 33 13.83 19.17 14.85
CA LEU D 33 12.42 18.85 14.63
C LEU D 33 11.47 19.86 15.30
N GLU D 34 11.83 20.35 16.49
CA GLU D 34 11.05 21.41 17.15
C GLU D 34 11.06 22.69 16.31
N GLU D 35 12.26 23.04 15.82
CA GLU D 35 12.45 24.13 14.87
C GLU D 35 11.53 23.95 13.66
N VAL D 36 11.71 22.84 12.94
CA VAL D 36 10.95 22.57 11.71
C VAL D 36 9.45 22.34 11.96
N PHE D 37 9.10 21.68 13.07
CA PHE D 37 7.70 21.43 13.42
C PHE D 37 7.38 22.01 14.80
N PRO D 38 7.06 23.32 14.87
CA PRO D 38 6.57 23.90 16.11
C PRO D 38 5.09 23.57 16.33
N GLN D 39 4.41 23.13 15.26
CA GLN D 39 3.07 22.54 15.36
C GLN D 39 3.11 21.24 16.18
N ILE D 40 4.11 20.37 15.92
CA ILE D 40 4.34 19.16 16.70
C ILE D 40 4.18 19.45 18.18
N GLN D 41 4.94 20.41 18.70
CA GLN D 41 4.75 20.94 20.08
C GLN D 41 5.30 20.00 21.17
N GLY D 42 4.44 19.52 22.06
CA GLY D 42 4.83 18.49 23.02
C GLY D 42 4.37 17.08 22.62
N GLU D 43 4.18 16.84 21.33
CA GLU D 43 3.55 15.60 20.88
C GLU D 43 4.55 14.45 20.71
N PHE D 44 5.71 14.71 20.12
CA PHE D 44 6.65 13.65 19.75
C PHE D 44 8.00 13.86 20.38
N SER D 45 8.58 12.79 20.92
CA SER D 45 9.94 12.81 21.46
C SER D 45 10.73 11.57 21.04
N ILE D 46 12.05 11.70 20.90
CA ILE D 46 12.93 10.59 20.50
C ILE D 46 13.48 9.77 21.70
N ASP D 47 13.07 8.49 21.82
CA ASP D 47 13.62 7.61 22.85
C ASP D 47 15.02 7.08 22.48
N ALA D 48 15.23 6.79 21.21
CA ALA D 48 16.53 6.29 20.76
C ALA D 48 16.74 6.56 19.28
N LEU D 49 17.97 6.91 18.96
CA LEU D 49 18.40 7.15 17.60
C LEU D 49 19.65 6.32 17.39
N ALA D 50 19.65 5.50 16.34
CA ALA D 50 20.86 4.81 15.90
C ALA D 50 20.95 4.91 14.38
N LYS D 51 22.10 4.51 13.84
CA LYS D 51 22.42 4.71 12.43
C LYS D 51 21.24 4.38 11.50
N GLY D 52 20.51 3.29 11.75
CA GLY D 52 19.41 2.92 10.84
C GLY D 52 18.09 2.60 11.51
N GLU D 53 17.98 2.95 12.80
CA GLU D 53 16.75 2.75 13.58
C GLU D 53 16.52 3.98 14.46
N ILE D 54 15.25 4.26 14.72
CA ILE D 54 14.79 5.30 15.62
C ILE D 54 13.59 4.76 16.38
N THR D 55 13.47 5.13 17.66
CA THR D 55 12.26 4.88 18.42
C THR D 55 11.77 6.24 18.80
N ARG D 57 8.42 8.46 20.32
CA ARG D 57 7.28 8.33 21.24
C ARG D 57 6.29 9.40 20.88
N LEU D 58 5.01 9.02 20.83
CA LEU D 58 3.89 9.94 20.77
C LEU D 58 3.38 10.08 22.19
N ASN D 59 3.64 11.24 22.77
CA ASN D 59 3.25 11.58 24.12
C ASN D 59 1.75 11.83 24.26
N VAL D 60 1.01 10.78 24.61
CA VAL D 60 -0.44 10.76 24.53
C VAL D 60 -1.15 11.69 25.53
N GLN D 61 -0.40 12.20 26.52
CA GLN D 61 -0.89 13.31 27.38
C GLN D 61 -1.16 14.60 26.57
N GLU D 62 -0.30 14.90 25.59
CA GLU D 62 -0.45 16.08 24.71
C GLU D 62 -1.71 16.01 23.82
N ARG D 63 -2.22 14.80 23.60
CA ARG D 63 -3.48 14.58 22.85
C ARG D 63 -4.71 15.14 23.58
N HIS D 64 -4.68 15.12 24.91
CA HIS D 64 -5.80 15.58 25.75
C HIS D 64 -7.12 14.91 25.33
N LEU D 65 -7.10 13.59 25.25
CA LEU D 65 -8.25 12.79 24.85
C LEU D 65 -9.20 12.56 26.02
N ARG D 66 -10.45 12.24 25.68
CA ARG D 66 -11.45 11.82 26.65
C ARG D 66 -10.95 10.57 27.40
N PRO D 67 -11.42 10.37 28.65
CA PRO D 67 -11.06 9.12 29.34
C PRO D 67 -11.55 7.88 28.57
N GLY D 68 -10.69 6.89 28.42
CA GLY D 68 -11.00 5.71 27.59
C GLY D 68 -10.75 5.97 26.11
N GLY D 69 -10.15 7.12 25.79
CA GLY D 69 -9.80 7.47 24.42
C GLY D 69 -8.51 6.82 23.96
N THR D 70 -8.38 6.65 22.64
CA THR D 70 -7.16 6.11 22.05
C THR D 70 -6.71 6.92 20.84
N VAL D 71 -5.39 7.11 20.73
CA VAL D 71 -4.74 7.72 19.57
C VAL D 71 -5.46 7.34 18.27
N SER D 72 -5.75 8.35 17.47
CA SER D 72 -6.54 8.20 16.26
C SER D 72 -5.67 7.67 15.12
N GLY D 73 -6.32 7.26 14.04
CA GLY D 73 -5.61 6.88 12.82
C GLY D 73 -4.71 7.96 12.25
N PRO D 74 -5.22 9.19 12.11
CA PRO D 74 -4.33 10.28 11.69
C PRO D 74 -3.09 10.49 12.58
N SER D 75 -3.25 10.35 13.90
CA SER D 75 -2.14 10.45 14.83
C SER D 75 -1.12 9.32 14.65
N PHE D 77 -0.65 7.76 11.85
CA PHE D 77 -0.08 8.15 10.59
C PHE D 77 1.05 9.15 10.84
N ALA D 78 0.77 10.16 11.64
CA ALA D 78 1.72 11.22 11.94
C ALA D 78 3.00 10.70 12.61
N LEU D 79 2.82 9.74 13.52
CA LEU D 79 3.93 9.11 14.22
C LEU D 79 4.80 8.35 13.23
N ALA D 80 4.17 7.60 12.34
CA ALA D 80 4.90 6.83 11.34
C ALA D 80 5.70 7.74 10.41
N ASP D 81 5.07 8.83 9.98
CA ASP D 81 5.66 9.76 9.04
C ASP D 81 6.83 10.50 9.66
N VAL D 82 6.62 11.06 10.85
CA VAL D 82 7.68 11.81 11.51
C VAL D 82 8.87 10.89 11.89
N SER D 83 8.58 9.67 12.27
CA SER D 83 9.63 8.71 12.66
C SER D 83 10.55 8.44 11.50
N VAL D 84 9.99 8.07 10.35
CA VAL D 84 10.84 7.74 9.19
C VAL D 84 11.49 9.00 8.64
N TYR D 85 10.74 10.11 8.58
CA TYR D 85 11.28 11.42 8.15
C TYR D 85 12.47 11.86 8.99
N ALA D 86 12.33 11.73 10.30
CA ALA D 86 13.41 12.02 11.22
C ALA D 86 14.68 11.21 10.93
N LEU D 87 14.51 9.92 10.67
CA LEU D 87 15.63 9.04 10.40
C LEU D 87 16.29 9.38 9.06
N VAL D 88 15.50 9.82 8.10
CA VAL D 88 16.05 10.31 6.84
C VAL D 88 16.88 11.57 7.08
N LEU D 89 16.32 12.51 7.85
CA LEU D 89 17.03 13.74 8.24
C LEU D 89 18.25 13.43 9.08
N ALA D 90 18.14 12.43 9.94
CA ALA D 90 19.24 11.97 10.77
C ALA D 90 20.48 11.68 9.94
N HIS D 91 20.32 11.20 8.70
CA HIS D 91 21.45 10.93 7.80
C HIS D 91 21.74 12.03 6.80
N LEU D 92 20.71 12.71 6.32
CA LEU D 92 20.90 13.71 5.26
C LEU D 92 21.12 15.15 5.76
N GLY D 93 20.79 15.44 7.02
CA GLY D 93 20.97 16.79 7.58
C GLY D 93 19.90 17.78 7.11
N ARG D 94 20.14 19.07 7.36
CA ARG D 94 19.21 20.14 6.95
C ARG D 94 19.02 20.17 5.43
N GLU D 95 20.15 20.13 4.72
CA GLU D 95 20.20 20.15 3.24
C GLU D 95 19.02 19.43 2.55
N ALA D 96 18.81 18.16 2.87
CA ALA D 96 17.77 17.33 2.21
C ALA D 96 16.36 17.83 2.52
N LEU D 97 15.60 18.15 1.47
CA LEU D 97 14.20 18.54 1.59
C LEU D 97 13.34 17.35 1.15
N ALA D 98 13.33 16.32 2.00
CA ALA D 98 12.62 15.06 1.70
C ALA D 98 11.12 15.24 1.83
N VAL D 99 10.40 14.67 0.85
CA VAL D 99 8.97 14.82 0.68
C VAL D 99 8.30 13.44 0.61
N THR D 100 7.27 13.21 1.40
CA THR D 100 6.52 11.95 1.41
C THR D 100 5.80 11.71 0.10
N THR D 101 6.04 10.56 -0.53
CA THR D 101 5.38 10.24 -1.78
C THR D 101 4.36 9.10 -1.59
N ASN D 102 4.64 8.17 -0.72
CA ASN D 102 3.70 7.07 -0.43
C ASN D 102 3.78 6.75 1.05
N ALA D 103 2.66 6.32 1.60
CA ALA D 103 2.48 5.90 2.97
C ALA D 103 1.49 4.72 2.95
N SER D 104 1.78 3.64 3.67
CA SER D 104 0.68 2.67 3.95
C SER D 104 0.72 2.30 5.40
N LEU D 105 -0.43 1.97 5.94
CA LEU D 105 -0.59 1.66 7.33
C LEU D 105 -1.56 0.53 7.46
N ASP D 106 -1.17 -0.47 8.24
CA ASP D 106 -2.01 -1.57 8.56
C ASP D 106 -2.32 -1.43 10.02
N PHE D 107 -3.63 -1.48 10.33
CA PHE D 107 -4.13 -1.30 11.69
C PHE D 107 -4.57 -2.65 12.21
N ARG D 109 -4.12 -3.91 15.89
CA ARG D 109 -4.66 -4.02 17.24
C ARG D 109 -5.03 -2.65 17.80
N LYS D 110 -6.03 -2.63 18.68
CA LYS D 110 -6.52 -1.38 19.30
C LYS D 110 -5.52 -0.90 20.37
N PRO D 111 -5.02 0.35 20.26
CA PRO D 111 -4.04 0.80 21.25
C PRO D 111 -4.65 0.84 22.66
N GLU D 112 -3.83 0.62 23.69
CA GLU D 112 -4.35 0.60 25.07
C GLU D 112 -4.51 2.05 25.53
N SER D 113 -5.74 2.38 25.94
CA SER D 113 -6.13 3.73 26.31
C SER D 113 -5.28 4.28 27.45
N GLY D 114 -4.76 5.49 27.27
CA GLY D 114 -3.89 6.12 28.26
C GLY D 114 -2.39 5.89 28.12
N ARG D 115 -1.96 5.03 27.21
CA ARG D 115 -0.52 4.78 27.05
C ARG D 115 0.04 5.60 25.91
N ASP D 116 1.33 5.87 25.97
CA ASP D 116 2.03 6.42 24.83
C ASP D 116 2.14 5.36 23.72
N LEU D 117 2.23 5.85 22.50
CA LEU D 117 2.49 5.04 21.35
C LEU D 117 3.95 5.18 21.05
N LEU D 118 4.61 4.05 20.76
CA LEU D 118 6.01 4.05 20.34
C LEU D 118 6.14 3.61 18.88
N GLY D 119 7.06 4.25 18.15
CA GLY D 119 7.29 3.94 16.75
C GLY D 119 8.71 3.49 16.52
N GLN D 120 8.88 2.20 16.25
CA GLN D 120 10.19 1.65 15.92
C GLN D 120 10.35 1.59 14.41
N ALA D 121 11.17 2.49 13.88
CA ALA D 121 11.31 2.70 12.47
C ALA D 121 12.69 2.30 12.02
N ARG D 122 12.75 1.63 10.87
CA ARG D 122 14.03 1.30 10.29
C ARG D 122 14.08 1.80 8.85
N LEU D 123 15.23 2.34 8.47
CA LEU D 123 15.47 2.81 7.11
C LEU D 123 15.92 1.59 6.32
N LEU D 124 15.24 1.31 5.21
CA LEU D 124 15.55 0.13 4.37
C LEU D 124 16.29 0.49 3.12
N LYS D 125 16.16 1.75 2.69
CA LYS D 125 16.81 2.28 1.51
C LYS D 125 16.95 3.78 1.73
N LEU D 126 18.14 4.28 1.44
CA LEU D 126 18.42 5.70 1.40
C LEU D 126 19.15 5.97 0.08
N GLY D 127 18.36 6.18 -0.97
CA GLY D 127 18.88 6.34 -2.31
C GLY D 127 19.19 7.78 -2.65
N ARG D 128 19.89 7.98 -3.78
CA ARG D 128 20.04 9.27 -4.45
C ARG D 128 18.71 10.05 -4.54
N THR D 129 17.61 9.35 -4.80
CA THR D 129 16.33 10.01 -5.08
C THR D 129 15.14 9.47 -4.30
N LEU D 130 15.30 8.33 -3.62
CA LEU D 130 14.20 7.69 -2.88
C LEU D 130 14.68 7.07 -1.56
N ALA D 131 13.92 7.30 -0.48
CA ALA D 131 14.15 6.67 0.80
C ALA D 131 12.92 5.85 1.16
N VAL D 132 13.15 4.67 1.73
CA VAL D 132 12.08 3.79 2.19
C VAL D 132 12.38 3.43 3.64
N GLY D 133 11.35 3.42 4.47
CA GLY D 133 11.48 3.00 5.86
C GLY D 133 10.19 2.34 6.28
N ASP D 134 10.25 1.41 7.22
CA ASP D 134 9.00 0.86 7.74
C ASP D 134 9.00 0.99 9.22
N ILE D 135 7.88 0.69 9.84
CA ILE D 135 7.71 1.03 11.23
C ILE D 135 6.68 0.14 11.85
N LEU D 136 6.99 -0.26 13.09
CA LEU D 136 6.05 -0.94 13.96
C LEU D 136 5.63 0.04 15.05
N LEU D 137 4.34 0.14 15.24
CA LEU D 137 3.75 1.00 16.26
C LEU D 137 3.30 0.12 17.42
N PHE D 138 3.71 0.50 18.62
CA PHE D 138 3.29 -0.18 19.87
C PHE D 138 2.61 0.76 20.86
N SER D 139 1.55 0.29 21.52
CA SER D 139 1.09 0.89 22.78
C SER D 139 2.09 0.49 23.84
N GLU D 140 2.67 1.47 24.53
CA GLU D 140 3.70 1.18 25.52
C GLU D 140 3.20 0.15 26.53
N GLY D 141 4.01 -0.88 26.76
CA GLY D 141 3.65 -1.97 27.66
C GLY D 141 3.06 -3.18 26.97
N GLU D 143 3.08 -5.82 24.01
CA GLU D 143 4.15 -6.40 23.20
C GLU D 143 3.82 -6.63 21.75
N ALA D 144 2.54 -6.93 21.49
CA ALA D 144 2.05 -7.14 20.14
C ALA D 144 1.85 -5.75 19.51
N PRO D 145 2.44 -5.50 18.32
CA PRO D 145 2.31 -4.19 17.70
C PRO D 145 0.88 -3.84 17.32
N VAL D 146 0.51 -2.58 17.47
CA VAL D 146 -0.86 -2.14 17.15
C VAL D 146 -1.02 -1.85 15.65
N ALA D 147 0.04 -1.35 15.03
CA ALA D 147 0.00 -1.03 13.61
C ALA D 147 1.36 -1.24 13.01
N ARG D 148 1.41 -1.33 11.68
CA ARG D 148 2.67 -1.18 10.95
C ARG D 148 2.48 -0.35 9.68
N SER D 149 3.60 0.21 9.21
CA SER D 149 3.56 1.22 8.18
C SER D 149 4.83 1.21 7.37
N THR D 150 4.71 1.51 6.07
CA THR D 150 5.86 1.85 5.25
C THR D 150 5.75 3.28 4.79
N THR D 152 7.55 6.10 2.08
CA THR D 152 8.50 6.41 1.01
C THR D 152 8.53 7.94 0.81
N TYR D 153 9.73 8.49 0.62
CA TYR D 153 9.96 9.91 0.46
C TYR D 153 10.85 10.08 -0.74
N SER D 154 10.61 11.12 -1.54
CA SER D 154 11.58 11.45 -2.58
C SER D 154 12.51 12.53 -2.07
N ILE D 155 13.75 12.47 -2.55
CA ILE D 155 14.81 13.40 -2.19
C ILE D 155 15.16 14.19 -3.44
N PRO D 156 14.81 15.49 -3.48
CA PRO D 156 15.31 16.45 -4.46
C PRO D 156 16.85 16.59 -4.55
N PRO D 157 17.33 17.32 -5.59
CA PRO D 157 18.77 17.59 -5.76
C PRO D 157 19.26 18.84 -5.01
#